data_8VDD
#
_entry.id   8VDD
#
_cell.length_a   158.833
_cell.length_b   40.698
_cell.length_c   92.604
_cell.angle_alpha   90.000
_cell.angle_beta   109.518
_cell.angle_gamma   90.000
#
_symmetry.space_group_name_H-M   'C 1 2 1'
#
loop_
_entity.id
_entity.type
_entity.pdbx_description
1 polymer 'MHC class II HLA-DQ-alpha chain'
2 polymer 'MHC class II HLA-DQ-beta-1'
3 polymer 'Proinsulin C-peptide (InsC8-22)'
4 non-polymer 2-acetamido-2-deoxy-beta-D-glucopyranose
5 non-polymer GLYCEROL
6 water water
#
loop_
_entity_poly.entity_id
_entity_poly.type
_entity_poly.pdbx_seq_one_letter_code
_entity_poly.pdbx_strand_id
1 'polypeptide(L)'
;EDIVADHVASYGVNLYQSYGPSGQYSHEFDGDEEFYVDLERKETVWQLPLFRRFRRFDPQFALTNIAVLKHNLNCVIKRS
NSTAATNEVPEVTVFSKSPVTLGQPNTLICLVDNIFPPVVNITWLSNGHSVTEGVSETSFLSKSDHSFFKISYLTFLPSA
DEIYDCKVEHWGLDEPLLKHWEPES
;
A
2 'polypeptide(L)'
;RDSPEDFVYQFKGMCYFTNGTERVRLVTRYIYNREEYARFDSDVGVYRAVTPLGPPAAEYWNSQKEVLERTRAELDTVCR
HNYQLELRTTLQRRVEPTVTISPSRTEALNHHNLLVCSVTDFYPAQIKVRWFRNDQEETTGVVSTPLIRNGDWTFQILVM
LEMTPQRGDVYTCHVEHPSLQNPIIVEWRAQS
;
B
3 'polypeptide(L)' GQVELGGGPGAESCQ C
#
# COMPACT_ATOMS: atom_id res chain seq x y z
N ASP A 2 9.45 11.67 7.57
CA ASP A 2 8.07 11.69 7.12
C ASP A 2 7.54 13.12 7.02
N ILE A 3 6.36 13.27 6.41
CA ILE A 3 5.74 14.57 6.20
C ILE A 3 4.31 14.50 6.70
N VAL A 4 3.91 15.48 7.50
CA VAL A 4 2.60 15.46 8.15
C VAL A 4 1.54 15.92 7.17
N ALA A 5 0.50 15.09 6.99
CA ALA A 5 -0.63 15.39 6.13
C ALA A 5 -1.79 14.50 6.54
N ASP A 6 -3.01 14.97 6.26
CA ASP A 6 -4.18 14.14 6.51
C ASP A 6 -4.20 12.93 5.59
N HIS A 7 -4.06 13.16 4.29
CA HIS A 7 -4.08 12.10 3.30
C HIS A 7 -2.89 12.24 2.37
N VAL A 8 -2.23 11.12 2.09
CA VAL A 8 -1.15 11.04 1.12
C VAL A 8 -1.65 10.30 -0.10
N ALA A 9 -1.44 10.88 -1.28
CA ALA A 9 -1.88 10.29 -2.54
C ALA A 9 -0.67 9.97 -3.40
N SER A 10 -0.73 8.84 -4.09
CA SER A 10 0.30 8.43 -5.02
C SER A 10 -0.34 8.45 -6.41
N TYR A 11 -0.34 9.64 -7.01
CA TYR A 11 -0.90 9.81 -8.36
C TYR A 11 0.20 9.61 -9.40
N GLY A 12 0.68 8.37 -9.43
CA GLY A 12 1.78 7.98 -10.26
C GLY A 12 2.83 7.22 -9.49
N VAL A 13 2.55 5.95 -9.18
CA VAL A 13 3.60 5.02 -8.73
C VAL A 13 4.11 4.34 -10.00
N ASN A 14 5.11 4.96 -10.62
CA ASN A 14 5.68 4.46 -11.87
C ASN A 14 6.89 3.61 -11.56
N LEU A 15 6.98 2.44 -12.19
CA LEU A 15 8.07 1.52 -11.94
C LEU A 15 8.51 0.88 -13.25
N TYR A 16 9.82 0.79 -13.45
CA TYR A 16 10.37 0.06 -14.57
C TYR A 16 11.71 -0.54 -14.15
N GLN A 17 11.93 -1.78 -14.54
CA GLN A 17 13.16 -2.49 -14.22
C GLN A 17 13.59 -3.33 -15.42
N SER A 18 14.89 -3.59 -15.50
CA SER A 18 15.45 -4.27 -16.66
C SER A 18 15.32 -5.78 -16.60
N TYR A 19 14.98 -6.36 -15.45
CA TYR A 19 14.85 -7.82 -15.36
C TYR A 19 13.61 -8.27 -16.12
N GLY A 20 13.82 -8.99 -17.21
CA GLY A 20 12.74 -9.46 -18.06
C GLY A 20 11.83 -8.33 -18.48
N PRO A 21 12.43 -7.25 -19.03
CA PRO A 21 11.78 -5.92 -19.09
C PRO A 21 10.36 -5.84 -18.57
N SER A 22 10.20 -5.44 -17.30
CA SER A 22 8.89 -5.35 -16.68
C SER A 22 8.69 -3.96 -16.10
N GLY A 23 7.41 -3.57 -15.98
CA GLY A 23 7.05 -2.29 -15.43
C GLY A 23 5.74 -2.36 -14.69
N GLN A 24 5.34 -1.24 -14.10
CA GLN A 24 4.08 -1.18 -13.36
C GLN A 24 3.64 0.28 -13.25
N TYR A 25 2.34 0.51 -13.32
CA TYR A 25 1.76 1.82 -13.07
C TYR A 25 0.51 1.66 -12.22
N SER A 26 0.43 2.45 -11.16
CA SER A 26 -0.69 2.34 -10.23
C SER A 26 -0.85 3.66 -9.47
N HIS A 27 -2.09 3.95 -9.10
CA HIS A 27 -2.40 5.07 -8.22
C HIS A 27 -2.77 4.54 -6.84
N GLU A 28 -2.22 5.17 -5.81
CA GLU A 28 -2.50 4.78 -4.43
C GLU A 28 -3.07 5.97 -3.68
N PHE A 29 -3.94 5.67 -2.70
CA PHE A 29 -4.49 6.69 -1.80
C PHE A 29 -4.47 6.15 -0.39
N ASP A 30 -3.70 6.81 0.47
CA ASP A 30 -3.62 6.45 1.89
C ASP A 30 -3.19 5.00 2.09
N GLY A 31 -2.26 4.54 1.25
CA GLY A 31 -1.68 3.22 1.40
C GLY A 31 -2.40 2.11 0.67
N ASP A 32 -3.44 2.41 -0.09
CA ASP A 32 -4.22 1.40 -0.80
C ASP A 32 -4.18 1.66 -2.30
N GLU A 33 -4.09 0.59 -3.07
CA GLU A 33 -4.04 0.71 -4.51
C GLU A 33 -5.43 0.95 -5.06
N GLU A 34 -5.62 2.08 -5.74
CA GLU A 34 -6.90 2.34 -6.38
C GLU A 34 -7.03 1.56 -7.69
N PHE A 35 -5.95 1.50 -8.47
CA PHE A 35 -5.94 0.70 -9.68
C PHE A 35 -4.50 0.46 -10.10
N TYR A 36 -4.33 -0.50 -11.01
CA TYR A 36 -3.13 -0.66 -11.79
C TYR A 36 -3.54 -0.76 -13.25
N VAL A 37 -2.55 -0.71 -14.15
CA VAL A 37 -2.79 -0.86 -15.58
C VAL A 37 -2.13 -2.14 -16.05
N ASP A 38 -2.92 -3.02 -16.67
CA ASP A 38 -2.36 -4.12 -17.42
C ASP A 38 -1.64 -3.55 -18.64
N LEU A 39 -0.31 -3.58 -18.62
CA LEU A 39 0.46 -2.93 -19.68
C LEU A 39 0.31 -3.67 -21.00
N GLU A 40 0.29 -5.01 -20.96
CA GLU A 40 0.12 -5.77 -22.21
C GLU A 40 -1.33 -5.75 -22.68
N ARG A 41 -2.28 -5.88 -21.76
CA ARG A 41 -3.70 -5.81 -22.13
C ARG A 41 -4.17 -4.39 -22.36
N LYS A 42 -3.41 -3.38 -21.94
CA LYS A 42 -3.75 -1.98 -22.09
C LYS A 42 -5.14 -1.68 -21.49
N GLU A 43 -5.26 -1.97 -20.20
CA GLU A 43 -6.54 -1.83 -19.51
C GLU A 43 -6.32 -1.37 -18.07
N THR A 44 -7.14 -0.41 -17.65
CA THR A 44 -7.16 0.02 -16.26
C THR A 44 -7.97 -0.95 -15.42
N VAL A 45 -7.39 -1.42 -14.34
CA VAL A 45 -7.99 -2.45 -13.48
C VAL A 45 -8.19 -1.82 -12.11
N TRP A 46 -9.38 -1.29 -11.87
CA TRP A 46 -9.69 -0.72 -10.57
C TRP A 46 -9.90 -1.81 -9.53
N GLN A 47 -9.67 -1.44 -8.26
CA GLN A 47 -9.63 -2.40 -7.16
C GLN A 47 -10.90 -2.44 -6.32
N LEU A 48 -11.91 -1.64 -6.67
CA LEU A 48 -13.15 -1.62 -5.90
C LEU A 48 -14.33 -1.42 -6.84
N PRO A 49 -15.44 -2.12 -6.61
CA PRO A 49 -16.64 -1.89 -7.41
C PRO A 49 -17.10 -0.44 -7.42
N LEU A 50 -16.74 0.34 -6.40
CA LEU A 50 -17.08 1.75 -6.38
C LEU A 50 -16.31 2.52 -7.46
N PHE A 51 -15.04 2.17 -7.68
CA PHE A 51 -14.22 2.91 -8.63
C PHE A 51 -14.58 2.58 -10.06
N ARG A 52 -14.93 1.31 -10.34
CA ARG A 52 -15.33 0.94 -11.69
C ARG A 52 -16.56 1.69 -12.13
N ARG A 53 -17.39 2.14 -11.19
CA ARG A 53 -18.63 2.81 -11.54
C ARG A 53 -18.42 4.30 -11.81
N PHE A 54 -17.56 4.96 -11.03
CA PHE A 54 -17.44 6.41 -11.08
C PHE A 54 -16.13 6.93 -11.66
N ARG A 55 -15.10 6.10 -11.78
CA ARG A 55 -13.76 6.57 -12.07
C ARG A 55 -13.27 6.05 -13.41
N ARG A 56 -12.52 6.89 -14.13
CA ARG A 56 -11.98 6.55 -15.44
C ARG A 56 -10.51 6.98 -15.52
N PHE A 57 -9.69 6.10 -16.08
CA PHE A 57 -8.28 6.41 -16.32
C PHE A 57 -7.88 5.80 -17.67
N ASP A 58 -7.48 6.66 -18.60
CA ASP A 58 -7.05 6.20 -19.92
C ASP A 58 -5.71 5.48 -19.80
N PRO A 59 -5.62 4.20 -20.14
CA PRO A 59 -4.35 3.46 -19.97
C PRO A 59 -3.24 3.91 -20.91
N GLN A 60 -3.52 4.81 -21.87
CA GLN A 60 -2.47 5.27 -22.77
C GLN A 60 -1.43 6.11 -22.04
N PHE A 61 -1.88 6.92 -21.06
CA PHE A 61 -0.96 7.75 -20.31
C PHE A 61 0.05 6.91 -19.53
N ALA A 62 -0.39 5.74 -19.03
CA ALA A 62 0.54 4.86 -18.33
C ALA A 62 1.64 4.40 -19.27
N LEU A 63 1.27 3.94 -20.48
CA LEU A 63 2.26 3.46 -21.43
C LEU A 63 3.25 4.55 -21.84
N THR A 64 2.79 5.81 -21.87
CA THR A 64 3.71 6.91 -22.18
C THR A 64 4.74 7.07 -21.08
N ASN A 65 4.31 7.01 -19.83
CA ASN A 65 5.24 7.22 -18.71
C ASN A 65 6.26 6.10 -18.64
N ILE A 66 5.84 4.85 -18.87
CA ILE A 66 6.78 3.73 -18.78
C ILE A 66 7.86 3.87 -19.85
N ALA A 67 7.48 4.37 -21.03
CA ALA A 67 8.47 4.61 -22.08
C ALA A 67 9.48 5.68 -21.67
N VAL A 68 9.04 6.67 -20.91
CA VAL A 68 9.96 7.70 -20.42
C VAL A 68 10.85 7.14 -19.32
N LEU A 69 10.27 6.36 -18.40
CA LEU A 69 11.09 5.72 -17.36
C LEU A 69 12.09 4.76 -17.99
N LYS A 70 11.67 4.02 -19.02
CA LYS A 70 12.59 3.16 -19.76
C LYS A 70 13.75 3.97 -20.33
N HIS A 71 13.47 5.18 -20.79
CA HIS A 71 14.51 6.03 -21.37
C HIS A 71 15.44 6.56 -20.27
N ASN A 72 14.88 7.12 -19.20
CA ASN A 72 15.70 7.67 -18.13
C ASN A 72 16.58 6.61 -17.49
N LEU A 73 16.07 5.38 -17.37
CA LEU A 73 16.85 4.31 -16.76
C LEU A 73 18.14 4.06 -17.54
N ASN A 74 18.05 4.06 -18.87
CA ASN A 74 19.27 3.90 -19.67
C ASN A 74 20.24 5.05 -19.46
N CYS A 75 19.72 6.26 -19.25
CA CYS A 75 20.59 7.40 -19.01
C CYS A 75 21.29 7.29 -17.65
N VAL A 76 20.51 7.06 -16.59
CA VAL A 76 21.08 7.02 -15.25
C VAL A 76 21.93 5.77 -15.04
N ILE A 77 21.71 4.71 -15.83
CA ILE A 77 22.58 3.55 -15.75
C ILE A 77 23.99 3.91 -16.17
N LYS A 78 24.12 4.74 -17.21
CA LYS A 78 25.44 5.14 -17.69
C LYS A 78 26.08 6.17 -16.77
N ARG A 79 25.29 7.07 -16.18
CA ARG A 79 25.85 8.06 -15.27
C ARG A 79 26.32 7.42 -13.97
N SER A 80 25.70 6.32 -13.56
CA SER A 80 26.05 5.64 -12.31
C SER A 80 27.11 4.55 -12.50
N ASN A 81 27.65 4.38 -13.72
CA ASN A 81 28.59 3.31 -14.02
C ASN A 81 27.98 1.94 -13.76
N SER A 82 26.72 1.77 -14.19
CA SER A 82 26.01 0.49 -14.09
C SER A 82 26.00 -0.04 -12.66
N THR A 83 25.48 0.79 -11.75
CA THR A 83 25.34 0.42 -10.34
C THR A 83 24.00 -0.31 -10.18
N ALA A 84 24.06 -1.63 -10.01
CA ALA A 84 22.86 -2.44 -9.92
C ALA A 84 22.21 -2.28 -8.55
N ALA A 85 20.94 -2.68 -8.48
CA ALA A 85 20.21 -2.64 -7.23
C ALA A 85 20.75 -3.66 -6.24
N THR A 86 20.61 -3.35 -4.95
CA THR A 86 20.97 -4.27 -3.89
C THR A 86 19.72 -5.04 -3.46
N ASN A 87 19.86 -6.36 -3.32
CA ASN A 87 18.76 -7.22 -2.90
C ASN A 87 18.53 -7.08 -1.41
N GLU A 88 17.32 -6.67 -1.02
CA GLU A 88 16.95 -6.54 0.38
C GLU A 88 16.32 -7.83 0.89
N VAL A 89 16.42 -8.04 2.20
CA VAL A 89 15.85 -9.23 2.83
C VAL A 89 14.37 -8.99 3.12
N PRO A 90 13.47 -9.72 2.47
CA PRO A 90 12.04 -9.48 2.69
C PRO A 90 11.52 -10.11 3.98
N GLU A 91 10.57 -9.44 4.61
CA GLU A 91 9.91 -9.93 5.82
C GLU A 91 8.50 -10.39 5.50
N VAL A 92 8.14 -11.56 6.02
CA VAL A 92 6.87 -12.21 5.70
C VAL A 92 6.07 -12.43 6.97
N THR A 93 4.77 -12.15 6.90
CA THR A 93 3.83 -12.40 7.99
C THR A 93 2.55 -12.98 7.40
N VAL A 94 1.92 -13.91 8.12
CA VAL A 94 0.69 -14.55 7.69
C VAL A 94 -0.35 -14.43 8.80
N PHE A 95 -1.55 -14.00 8.44
CA PHE A 95 -2.64 -13.84 9.39
C PHE A 95 -3.96 -13.92 8.62
N SER A 96 -5.03 -14.18 9.37
CA SER A 96 -6.36 -14.31 8.78
C SER A 96 -7.05 -12.95 8.74
N LYS A 97 -8.03 -12.83 7.84
CA LYS A 97 -8.80 -11.60 7.76
C LYS A 97 -9.80 -11.47 8.89
N SER A 98 -10.27 -12.60 9.41
CA SER A 98 -11.29 -12.64 10.45
C SER A 98 -10.89 -13.68 11.47
N PRO A 99 -11.51 -13.67 12.66
CA PRO A 99 -11.30 -14.75 13.61
C PRO A 99 -11.74 -16.08 13.01
N VAL A 100 -10.89 -17.09 13.18
CA VAL A 100 -11.08 -18.38 12.51
C VAL A 100 -12.08 -19.20 13.31
N THR A 101 -13.26 -19.44 12.74
CA THR A 101 -14.26 -20.35 13.29
C THR A 101 -14.39 -21.53 12.35
N LEU A 102 -14.16 -22.73 12.88
CA LEU A 102 -14.17 -23.94 12.06
C LEU A 102 -15.51 -24.10 11.36
N GLY A 103 -15.50 -24.09 10.04
CA GLY A 103 -16.69 -24.21 9.23
C GLY A 103 -17.09 -22.93 8.51
N GLN A 104 -16.69 -21.76 9.01
CA GLN A 104 -17.08 -20.47 8.46
C GLN A 104 -16.01 -19.98 7.49
N PRO A 105 -16.38 -19.57 6.28
CA PRO A 105 -15.37 -19.16 5.30
C PRO A 105 -14.52 -18.00 5.80
N ASN A 106 -13.26 -17.98 5.38
CA ASN A 106 -12.31 -16.98 5.82
C ASN A 106 -11.29 -16.77 4.71
N THR A 107 -10.27 -15.95 5.00
CA THR A 107 -9.23 -15.63 4.03
C THR A 107 -7.90 -15.48 4.76
N LEU A 108 -6.86 -16.10 4.21
CA LEU A 108 -5.51 -15.99 4.76
C LEU A 108 -4.72 -14.94 4.00
N ILE A 109 -3.97 -14.13 4.74
CA ILE A 109 -3.28 -12.97 4.21
C ILE A 109 -1.78 -13.14 4.42
N CYS A 110 -1.02 -13.17 3.33
CA CYS A 110 0.44 -13.29 3.38
C CYS A 110 1.04 -11.95 2.96
N LEU A 111 1.57 -11.21 3.93
CA LEU A 111 2.20 -9.92 3.68
C LEU A 111 3.70 -10.10 3.58
N VAL A 112 4.25 -9.80 2.41
CA VAL A 112 5.69 -9.75 2.20
C VAL A 112 6.10 -8.28 2.17
N ASP A 113 7.07 -7.92 3.01
CA ASP A 113 7.49 -6.53 3.15
C ASP A 113 8.98 -6.38 2.85
N ASN A 114 9.40 -5.15 2.63
CA ASN A 114 10.79 -4.83 2.27
C ASN A 114 11.24 -5.62 1.04
N ILE A 115 10.48 -5.50 -0.04
CA ILE A 115 10.78 -6.18 -1.28
C ILE A 115 11.58 -5.23 -2.16
N PHE A 116 12.80 -5.63 -2.50
CA PHE A 116 13.60 -4.91 -3.48
C PHE A 116 14.73 -5.80 -4.00
N PRO A 117 14.84 -6.01 -5.32
CA PRO A 117 14.01 -5.45 -6.40
C PRO A 117 12.58 -6.00 -6.43
N PRO A 118 11.67 -5.31 -7.12
CA PRO A 118 10.28 -5.79 -7.21
C PRO A 118 10.13 -7.02 -8.08
N VAL A 119 10.73 -8.13 -7.67
CA VAL A 119 10.59 -9.43 -8.32
C VAL A 119 10.47 -10.47 -7.23
N VAL A 120 9.34 -11.19 -7.18
CA VAL A 120 9.08 -12.10 -6.07
C VAL A 120 8.04 -13.13 -6.50
N ASN A 121 8.11 -14.31 -5.90
CA ASN A 121 7.13 -15.37 -6.09
C ASN A 121 6.40 -15.61 -4.78
N ILE A 122 5.08 -15.47 -4.79
CA ILE A 122 4.25 -15.78 -3.65
C ILE A 122 3.30 -16.91 -4.06
N THR A 123 3.39 -18.05 -3.37
CA THR A 123 2.62 -19.23 -3.72
C THR A 123 2.06 -19.86 -2.46
N TRP A 124 0.85 -20.38 -2.56
CA TRP A 124 0.15 -21.01 -1.45
C TRP A 124 0.12 -22.53 -1.62
N LEU A 125 0.12 -23.24 -0.49
CA LEU A 125 -0.07 -24.68 -0.48
C LEU A 125 -0.97 -25.04 0.69
N SER A 126 -1.81 -26.06 0.48
CA SER A 126 -2.75 -26.48 1.52
C SER A 126 -2.01 -27.24 2.62
N ASN A 127 -1.80 -28.54 2.42
CA ASN A 127 -1.03 -29.36 3.34
C ASN A 127 -0.03 -30.27 2.65
N GLY A 128 -0.16 -30.49 1.34
CA GLY A 128 0.78 -31.33 0.61
C GLY A 128 0.71 -31.10 -0.88
N HIS A 129 -0.29 -30.33 -1.32
CA HIS A 129 -0.48 -29.99 -2.72
C HIS A 129 -0.57 -28.48 -2.87
N SER A 130 -0.08 -27.99 -4.02
CA SER A 130 -0.11 -26.56 -4.29
C SER A 130 -1.55 -26.09 -4.51
N VAL A 131 -1.88 -24.95 -3.91
CA VAL A 131 -3.22 -24.38 -3.99
C VAL A 131 -3.21 -23.30 -5.06
N THR A 132 -3.98 -23.51 -6.13
CA THR A 132 -4.11 -22.55 -7.20
C THR A 132 -5.43 -21.82 -7.21
N GLU A 133 -6.49 -22.43 -6.68
CA GLU A 133 -7.79 -21.80 -6.63
C GLU A 133 -7.89 -20.90 -5.40
N GLY A 134 -8.73 -19.87 -5.51
CA GLY A 134 -8.91 -18.94 -4.41
C GLY A 134 -7.68 -18.14 -4.04
N VAL A 135 -6.81 -17.86 -5.01
CA VAL A 135 -5.57 -17.13 -4.77
C VAL A 135 -5.61 -15.84 -5.58
N SER A 136 -5.37 -14.72 -4.91
CA SER A 136 -5.27 -13.42 -5.57
C SER A 136 -4.12 -12.65 -4.95
N GLU A 137 -3.56 -11.71 -5.72
CA GLU A 137 -2.42 -10.93 -5.25
C GLU A 137 -2.61 -9.47 -5.65
N THR A 138 -2.01 -8.59 -4.84
CA THR A 138 -1.99 -7.17 -5.13
C THR A 138 -0.79 -6.84 -6.01
N SER A 139 -0.80 -5.63 -6.57
CA SER A 139 0.39 -5.15 -7.24
C SER A 139 1.45 -4.77 -6.20
N PHE A 140 2.65 -4.46 -6.68
CA PHE A 140 3.69 -3.99 -5.78
C PHE A 140 3.29 -2.64 -5.21
N LEU A 141 3.20 -2.54 -3.90
CA LEU A 141 2.80 -1.33 -3.22
C LEU A 141 4.03 -0.59 -2.73
N SER A 142 4.02 0.74 -2.90
CA SER A 142 5.19 1.55 -2.60
C SER A 142 5.35 1.74 -1.09
N LYS A 143 6.58 2.03 -0.69
CA LYS A 143 6.92 2.42 0.66
C LYS A 143 7.72 3.72 0.60
N SER A 144 7.90 4.36 1.75
CA SER A 144 8.63 5.62 1.80
C SER A 144 10.08 5.42 1.39
N ASP A 145 10.75 4.43 1.98
CA ASP A 145 12.16 4.16 1.67
C ASP A 145 12.37 3.56 0.29
N HIS A 146 11.33 3.57 -0.55
CA HIS A 146 11.36 3.18 -1.96
C HIS A 146 11.50 1.68 -2.16
N SER A 147 11.31 0.89 -1.11
CA SER A 147 11.12 -0.54 -1.26
C SER A 147 9.65 -0.82 -1.52
N PHE A 148 9.30 -2.09 -1.72
CA PHE A 148 7.93 -2.46 -2.03
C PHE A 148 7.43 -3.49 -1.04
N PHE A 149 6.11 -3.64 -0.97
CA PHE A 149 5.49 -4.73 -0.24
C PHE A 149 4.30 -5.23 -1.05
N LYS A 150 4.06 -6.53 -0.99
CA LYS A 150 2.98 -7.17 -1.73
C LYS A 150 2.20 -8.09 -0.78
N ILE A 151 0.93 -8.30 -1.09
CA ILE A 151 0.04 -9.11 -0.27
C ILE A 151 -0.66 -10.12 -1.17
N SER A 152 -0.69 -11.38 -0.73
CA SER A 152 -1.41 -12.44 -1.42
C SER A 152 -2.52 -12.96 -0.53
N TYR A 153 -3.62 -13.40 -1.15
CA TYR A 153 -4.80 -13.85 -0.43
C TYR A 153 -5.11 -15.30 -0.75
N LEU A 154 -5.70 -16.00 0.23
CA LEU A 154 -6.17 -17.36 0.03
C LEU A 154 -7.52 -17.49 0.71
N THR A 155 -8.58 -17.65 -0.10
CA THR A 155 -9.92 -17.91 0.43
C THR A 155 -10.04 -19.39 0.75
N PHE A 156 -10.33 -19.71 2.00
CA PHE A 156 -10.37 -21.09 2.46
C PHE A 156 -11.49 -21.26 3.47
N LEU A 157 -11.71 -22.50 3.88
CA LEU A 157 -12.69 -22.85 4.90
C LEU A 157 -11.96 -23.56 6.03
N PRO A 158 -11.82 -22.94 7.20
CA PRO A 158 -11.03 -23.55 8.28
C PRO A 158 -11.55 -24.92 8.68
N SER A 159 -10.63 -25.86 8.82
CA SER A 159 -10.95 -27.23 9.23
C SER A 159 -9.90 -27.69 10.23
N ALA A 160 -10.08 -28.90 10.75
CA ALA A 160 -9.17 -29.42 11.76
C ALA A 160 -7.90 -30.01 11.17
N ASP A 161 -7.99 -30.57 9.96
CA ASP A 161 -6.85 -31.23 9.33
C ASP A 161 -6.18 -30.35 8.29
N GLU A 162 -5.87 -29.10 8.66
CA GLU A 162 -5.24 -28.18 7.71
C GLU A 162 -4.35 -27.18 8.45
N ILE A 163 -3.12 -27.06 7.99
CA ILE A 163 -2.18 -26.02 8.42
C ILE A 163 -1.52 -25.47 7.17
N TYR A 164 -1.74 -24.18 6.91
CA TYR A 164 -1.37 -23.58 5.63
C TYR A 164 0.00 -22.92 5.70
N ASP A 165 0.64 -22.79 4.53
CA ASP A 165 1.97 -22.19 4.41
C ASP A 165 2.04 -21.28 3.20
N CYS A 166 2.71 -20.14 3.38
CA CYS A 166 2.97 -19.17 2.32
C CYS A 166 4.43 -19.26 1.93
N LYS A 167 4.69 -19.52 0.65
CA LYS A 167 6.05 -19.70 0.14
C LYS A 167 6.48 -18.45 -0.61
N VAL A 168 7.54 -17.81 -0.14
CA VAL A 168 8.06 -16.57 -0.73
C VAL A 168 9.45 -16.84 -1.27
N GLU A 169 9.66 -16.50 -2.55
CA GLU A 169 10.94 -16.70 -3.22
C GLU A 169 11.49 -15.34 -3.64
N HIS A 170 12.67 -15.00 -3.14
CA HIS A 170 13.30 -13.73 -3.43
C HIS A 170 14.80 -13.92 -3.59
N TRP A 171 15.43 -12.99 -4.32
CA TRP A 171 16.87 -13.06 -4.50
C TRP A 171 17.63 -12.73 -3.22
N GLY A 172 17.09 -11.82 -2.41
CA GLY A 172 17.70 -11.50 -1.13
C GLY A 172 17.56 -12.59 -0.09
N LEU A 173 16.81 -13.65 -0.39
CA LEU A 173 16.68 -14.80 0.49
C LEU A 173 17.58 -15.93 -0.01
N ASP A 174 18.33 -16.54 0.91
CA ASP A 174 19.16 -17.68 0.54
C ASP A 174 18.31 -18.86 0.10
N GLU A 175 17.25 -19.14 0.84
CA GLU A 175 16.34 -20.24 0.55
C GLU A 175 14.92 -19.70 0.59
N PRO A 176 13.96 -20.39 -0.05
CA PRO A 176 12.57 -19.94 0.00
C PRO A 176 12.05 -19.88 1.43
N LEU A 177 11.28 -18.85 1.73
CA LEU A 177 10.68 -18.67 3.04
C LEU A 177 9.32 -19.35 3.08
N LEU A 178 9.12 -20.20 4.09
CA LEU A 178 7.86 -20.88 4.32
C LEU A 178 7.26 -20.34 5.61
N LYS A 179 6.29 -19.45 5.48
CA LYS A 179 5.61 -18.88 6.63
C LYS A 179 4.44 -19.76 7.03
N HIS A 180 4.24 -19.92 8.33
CA HIS A 180 3.33 -20.92 8.88
C HIS A 180 2.12 -20.26 9.52
N TRP A 181 0.96 -20.88 9.34
CA TRP A 181 -0.27 -20.45 10.00
C TRP A 181 -1.01 -21.66 10.52
N GLU A 182 -1.38 -21.61 11.80
CA GLU A 182 -2.09 -22.71 12.43
C GLU A 182 -3.51 -22.31 12.76
N PRO A 183 -4.51 -23.15 12.48
CA PRO A 183 -5.89 -22.79 12.84
C PRO A 183 -6.08 -22.73 14.35
N GLU A 184 -5.36 -23.56 15.10
CA GLU A 184 -5.46 -23.54 16.56
C GLU A 184 -4.94 -22.22 17.13
N PRO B 4 20.57 -12.73 -10.42
CA PRO B 4 20.63 -11.90 -11.63
C PRO B 4 20.96 -10.44 -11.34
N GLU B 5 21.28 -9.68 -12.37
CA GLU B 5 21.59 -8.26 -12.25
C GLU B 5 20.40 -7.45 -12.72
N ASP B 6 19.89 -6.57 -11.85
CA ASP B 6 18.70 -5.80 -12.15
C ASP B 6 18.96 -4.33 -11.92
N PHE B 7 18.36 -3.49 -12.77
CA PHE B 7 18.38 -2.04 -12.62
C PHE B 7 16.95 -1.56 -12.54
N VAL B 8 16.65 -0.72 -11.55
CA VAL B 8 15.29 -0.29 -11.27
C VAL B 8 15.20 1.23 -11.35
N TYR B 9 14.11 1.72 -11.92
CA TYR B 9 13.78 3.14 -11.95
C TYR B 9 12.36 3.30 -11.43
N GLN B 10 12.14 4.32 -10.59
CA GLN B 10 10.83 4.62 -10.04
C GLN B 10 10.55 6.11 -10.20
N PHE B 11 9.29 6.43 -10.47
CA PHE B 11 8.81 7.82 -10.49
C PHE B 11 7.56 7.89 -9.63
N LYS B 12 7.60 8.75 -8.62
CA LYS B 12 6.51 8.84 -7.65
C LYS B 12 5.97 10.26 -7.63
N GLY B 13 4.78 10.45 -8.20
CA GLY B 13 4.06 11.70 -8.08
C GLY B 13 3.16 11.68 -6.86
N MET B 14 3.60 12.32 -5.78
CA MET B 14 2.90 12.28 -4.50
C MET B 14 2.26 13.63 -4.21
N CYS B 15 1.02 13.57 -3.72
CA CYS B 15 0.27 14.75 -3.31
C CYS B 15 -0.05 14.64 -1.83
N TYR B 16 0.18 15.73 -1.08
CA TYR B 16 -0.03 15.75 0.36
C TYR B 16 -1.13 16.74 0.69
N PHE B 17 -2.23 16.24 1.27
CA PHE B 17 -3.40 17.04 1.57
C PHE B 17 -3.54 17.23 3.07
N THR B 18 -3.72 18.47 3.50
CA THR B 18 -3.96 18.79 4.89
C THR B 18 -5.17 19.72 4.97
N ASN B 19 -6.09 19.43 5.90
CA ASN B 19 -7.31 20.22 6.11
C ASN B 19 -8.11 20.32 4.81
N GLY B 20 -8.48 19.15 4.29
CA GLY B 20 -9.17 19.12 3.01
C GLY B 20 -8.21 19.49 1.90
N THR B 21 -8.60 20.47 1.08
CA THR B 21 -7.76 20.98 0.02
C THR B 21 -7.19 22.36 0.33
N GLU B 22 -7.14 22.72 1.61
CA GLU B 22 -6.60 24.03 1.99
C GLU B 22 -5.09 24.07 1.87
N ARG B 23 -4.42 22.97 2.20
CA ARG B 23 -2.96 22.85 2.14
C ARG B 23 -2.63 21.64 1.27
N VAL B 24 -2.32 21.89 0.00
CA VAL B 24 -1.94 20.83 -0.93
C VAL B 24 -0.47 21.02 -1.29
N ARG B 25 0.23 19.92 -1.49
CA ARG B 25 1.65 19.96 -1.78
C ARG B 25 1.99 18.81 -2.71
N LEU B 26 2.72 19.11 -3.78
CA LEU B 26 3.12 18.12 -4.78
C LEU B 26 4.61 17.87 -4.67
N VAL B 27 4.98 16.58 -4.57
CA VAL B 27 6.37 16.15 -4.56
C VAL B 27 6.51 15.02 -5.57
N THR B 28 7.12 15.31 -6.72
CA THR B 28 7.48 14.27 -7.67
C THR B 28 8.89 13.78 -7.34
N ARG B 29 9.13 12.48 -7.52
CA ARG B 29 10.38 11.86 -7.09
C ARG B 29 10.94 11.02 -8.22
N TYR B 30 12.22 11.23 -8.53
CA TYR B 30 12.91 10.47 -9.56
C TYR B 30 13.94 9.61 -8.84
N ILE B 31 13.74 8.29 -8.88
CA ILE B 31 14.45 7.35 -8.02
C ILE B 31 15.17 6.34 -8.89
N TYR B 32 16.45 6.15 -8.63
CA TYR B 32 17.26 5.12 -9.27
C TYR B 32 17.56 4.05 -8.23
N ASN B 33 17.13 2.83 -8.51
CA ASN B 33 17.14 1.75 -7.52
C ASN B 33 16.37 2.21 -6.28
N ARG B 34 17.06 2.45 -5.18
CA ARG B 34 16.44 2.93 -3.94
C ARG B 34 17.01 4.28 -3.54
N GLU B 35 17.33 5.10 -4.54
CA GLU B 35 18.01 6.37 -4.33
C GLU B 35 17.27 7.45 -5.10
N GLU B 36 16.67 8.39 -4.39
CA GLU B 36 16.07 9.57 -5.02
C GLU B 36 17.17 10.52 -5.43
N TYR B 37 17.33 10.74 -6.73
CA TYR B 37 18.40 11.60 -7.22
C TYR B 37 17.90 12.97 -7.68
N ALA B 38 16.62 13.11 -8.01
CA ALA B 38 16.05 14.40 -8.35
C ALA B 38 14.63 14.46 -7.84
N ARG B 39 14.08 15.67 -7.78
CA ARG B 39 12.80 15.87 -7.13
C ARG B 39 12.26 17.26 -7.46
N PHE B 40 10.96 17.33 -7.73
CA PHE B 40 10.26 18.61 -7.79
C PHE B 40 9.31 18.68 -6.59
N ASP B 41 9.49 19.70 -5.77
CA ASP B 41 8.59 20.01 -4.65
C ASP B 41 7.89 21.33 -4.95
N SER B 42 6.56 21.32 -4.92
CA SER B 42 5.79 22.51 -5.25
C SER B 42 6.07 23.67 -4.29
N ASP B 43 6.50 23.36 -3.05
CA ASP B 43 6.95 24.41 -2.14
C ASP B 43 8.25 25.05 -2.63
N VAL B 44 9.17 24.23 -3.14
CA VAL B 44 10.45 24.77 -3.62
C VAL B 44 10.26 25.48 -4.94
N GLY B 45 9.40 24.95 -5.82
CA GLY B 45 9.02 25.60 -7.05
C GLY B 45 9.83 25.19 -8.27
N VAL B 46 11.03 24.65 -8.08
CA VAL B 46 11.89 24.24 -9.19
C VAL B 46 12.45 22.86 -8.88
N TYR B 47 12.96 22.20 -9.92
CA TYR B 47 13.63 20.93 -9.74
C TYR B 47 14.88 21.11 -8.90
N ARG B 48 15.22 20.08 -8.13
CA ARG B 48 16.39 20.11 -7.27
C ARG B 48 17.01 18.73 -7.26
N ALA B 49 18.34 18.68 -7.42
CA ALA B 49 19.05 17.44 -7.22
C ALA B 49 19.02 17.06 -5.75
N VAL B 50 18.85 15.77 -5.47
CA VAL B 50 18.95 15.25 -4.12
C VAL B 50 20.31 14.65 -3.85
N THR B 51 20.85 13.93 -4.83
CA THR B 51 22.19 13.35 -4.75
C THR B 51 23.00 13.89 -5.91
N PRO B 52 24.34 13.72 -5.93
CA PRO B 52 25.12 14.15 -7.10
C PRO B 52 24.76 13.43 -8.39
N LEU B 53 23.79 12.51 -8.36
CA LEU B 53 23.37 11.84 -9.59
C LEU B 53 22.36 12.66 -10.39
N GLY B 54 21.77 13.68 -9.78
CA GLY B 54 20.69 14.43 -10.38
C GLY B 54 20.90 15.87 -10.82
N PRO B 55 22.08 16.49 -10.62
CA PRO B 55 22.30 17.82 -11.20
C PRO B 55 22.12 17.84 -12.71
N PRO B 56 22.56 16.80 -13.45
CA PRO B 56 22.29 16.82 -14.91
C PRO B 56 20.81 16.91 -15.25
N ALA B 57 19.97 16.10 -14.63
CA ALA B 57 18.54 16.15 -14.92
C ALA B 57 17.92 17.44 -14.41
N ALA B 58 18.24 17.83 -13.17
CA ALA B 58 17.59 18.98 -12.54
C ALA B 58 17.87 20.26 -13.30
N GLU B 59 19.11 20.45 -13.75
CA GLU B 59 19.46 21.68 -14.47
C GLU B 59 18.88 21.68 -15.87
N TYR B 60 18.80 20.51 -16.51
CA TYR B 60 18.17 20.44 -17.83
C TYR B 60 16.68 20.71 -17.74
N TRP B 61 16.00 20.11 -16.76
CA TRP B 61 14.56 20.32 -16.64
C TRP B 61 14.22 21.76 -16.28
N ASN B 62 15.04 22.39 -15.44
CA ASN B 62 14.75 23.77 -15.05
C ASN B 62 15.00 24.74 -16.19
N SER B 63 15.94 24.43 -17.08
CA SER B 63 16.27 25.36 -18.16
C SER B 63 15.15 25.45 -19.19
N GLN B 64 14.32 24.42 -19.30
CA GLN B 64 13.24 24.37 -20.28
C GLN B 64 11.97 24.95 -19.67
N LYS B 65 11.49 26.06 -20.25
CA LYS B 65 10.33 26.74 -19.67
C LYS B 65 9.07 25.91 -19.76
N GLU B 66 8.91 25.11 -20.82
N GLU B 66 8.91 25.11 -20.83
CA GLU B 66 7.68 24.34 -21.00
CA GLU B 66 7.67 24.34 -20.98
C GLU B 66 7.60 23.19 -20.00
C GLU B 66 7.59 23.20 -19.98
N VAL B 67 8.74 22.64 -19.57
CA VAL B 67 8.71 21.57 -18.59
C VAL B 67 8.38 22.13 -17.21
N LEU B 68 8.87 23.33 -16.92
CA LEU B 68 8.69 23.90 -15.59
C LEU B 68 7.26 24.36 -15.35
N GLU B 69 6.55 24.76 -16.41
CA GLU B 69 5.16 25.18 -16.23
C GLU B 69 4.22 23.99 -16.12
N ARG B 70 4.46 22.95 -16.91
CA ARG B 70 3.58 21.77 -16.87
C ARG B 70 3.73 21.01 -15.56
N THR B 71 4.87 21.14 -14.89
CA THR B 71 5.03 20.48 -13.59
C THR B 71 4.37 21.28 -12.48
N ARG B 72 4.46 22.61 -12.54
CA ARG B 72 3.81 23.44 -11.53
C ARG B 72 2.29 23.35 -11.64
N ALA B 73 1.77 23.28 -12.87
CA ALA B 73 0.34 23.16 -13.08
C ALA B 73 -0.22 21.82 -12.60
N GLU B 74 0.65 20.84 -12.31
CA GLU B 74 0.15 19.55 -11.89
C GLU B 74 -0.46 19.61 -10.50
N LEU B 75 -0.01 20.55 -9.68
CA LEU B 75 -0.65 20.79 -8.38
C LEU B 75 -2.16 20.97 -8.54
N ASP B 76 -2.58 21.58 -9.66
CA ASP B 76 -3.99 21.75 -9.96
C ASP B 76 -4.55 20.63 -10.82
N THR B 77 -3.88 20.32 -11.94
CA THR B 77 -4.44 19.36 -12.90
C THR B 77 -4.46 17.94 -12.35
N VAL B 78 -3.54 17.61 -11.44
CA VAL B 78 -3.44 16.27 -10.88
C VAL B 78 -3.88 16.24 -9.42
N CYS B 79 -3.17 16.95 -8.54
CA CYS B 79 -3.42 16.83 -7.10
C CYS B 79 -4.79 17.36 -6.72
N ARG B 80 -5.07 18.62 -7.04
CA ARG B 80 -6.37 19.19 -6.67
C ARG B 80 -7.51 18.56 -7.46
N HIS B 81 -7.27 18.25 -8.74
CA HIS B 81 -8.33 17.70 -9.58
C HIS B 81 -8.74 16.30 -9.13
N ASN B 82 -7.77 15.44 -8.83
CA ASN B 82 -8.10 14.07 -8.44
C ASN B 82 -8.71 14.02 -7.04
N TYR B 83 -8.32 14.95 -6.16
CA TYR B 83 -8.90 14.96 -4.82
C TYR B 83 -10.40 15.14 -4.86
N GLN B 84 -10.89 15.97 -5.79
CA GLN B 84 -12.34 16.14 -5.93
C GLN B 84 -13.03 14.84 -6.30
N LEU B 85 -12.33 13.94 -6.99
CA LEU B 85 -12.88 12.62 -7.27
C LEU B 85 -12.73 11.68 -6.08
N GLU B 86 -11.77 11.93 -5.19
CA GLU B 86 -11.64 11.13 -3.98
C GLU B 86 -12.79 11.42 -3.02
N LEU B 87 -13.18 12.70 -2.89
CA LEU B 87 -14.31 13.06 -2.05
C LEU B 87 -15.60 12.41 -2.52
N ARG B 88 -15.72 12.14 -3.82
CA ARG B 88 -16.90 11.49 -4.38
C ARG B 88 -16.91 9.97 -4.20
N THR B 89 -15.77 9.36 -3.85
CA THR B 89 -15.70 7.90 -3.80
C THR B 89 -14.97 7.39 -2.56
N THR B 90 -13.64 7.56 -2.54
CA THR B 90 -12.83 6.95 -1.48
C THR B 90 -13.14 7.54 -0.11
N LEU B 91 -13.27 8.86 -0.03
CA LEU B 91 -13.45 9.49 1.28
C LEU B 91 -14.84 9.31 1.85
N GLN B 92 -15.78 8.74 1.09
CA GLN B 92 -17.10 8.42 1.60
C GLN B 92 -17.25 6.95 1.98
N ARG B 93 -16.27 6.12 1.64
CA ARG B 93 -16.31 4.71 2.00
C ARG B 93 -16.43 4.54 3.52
N ARG B 94 -17.40 3.72 3.94
CA ARG B 94 -17.65 3.46 5.36
C ARG B 94 -17.97 1.98 5.52
N VAL B 95 -16.99 1.22 5.97
CA VAL B 95 -17.18 -0.20 6.29
C VAL B 95 -17.19 -0.34 7.81
N GLU B 96 -18.31 -0.84 8.35
CA GLU B 96 -18.45 -1.02 9.79
C GLU B 96 -17.62 -2.21 10.28
N PRO B 97 -17.03 -2.09 11.47
CA PRO B 97 -16.19 -3.18 11.99
C PRO B 97 -16.99 -4.27 12.68
N THR B 98 -16.55 -5.51 12.48
CA THR B 98 -17.05 -6.64 13.25
C THR B 98 -16.16 -6.81 14.47
N VAL B 99 -16.79 -6.92 15.64
CA VAL B 99 -16.08 -6.94 16.92
C VAL B 99 -16.44 -8.23 17.64
N THR B 100 -15.42 -9.04 17.95
CA THR B 100 -15.59 -10.25 18.75
C THR B 100 -14.60 -10.22 19.91
N ILE B 101 -14.87 -11.04 20.91
CA ILE B 101 -13.97 -11.28 22.03
C ILE B 101 -13.73 -12.77 22.12
N SER B 102 -12.46 -13.15 22.26
CA SER B 102 -12.09 -14.55 22.32
C SER B 102 -10.85 -14.69 23.20
N PRO B 103 -10.71 -15.80 23.93
CA PRO B 103 -9.55 -16.08 24.77
C PRO B 103 -8.21 -16.02 24.02
N LEU B 114 -5.56 -13.04 29.21
CA LEU B 114 -5.54 -13.53 27.84
C LEU B 114 -6.89 -13.34 27.15
N LEU B 115 -7.28 -12.09 26.92
CA LEU B 115 -8.54 -11.75 26.29
C LEU B 115 -8.29 -10.75 25.18
N VAL B 116 -8.77 -11.08 23.98
CA VAL B 116 -8.49 -10.31 22.77
C VAL B 116 -9.79 -9.79 22.20
N CYS B 117 -9.87 -8.47 21.97
CA CYS B 117 -11.01 -7.85 21.30
C CYS B 117 -10.63 -7.64 19.84
N SER B 118 -11.05 -8.59 18.99
CA SER B 118 -10.73 -8.53 17.57
C SER B 118 -11.70 -7.59 16.86
N VAL B 119 -11.15 -6.60 16.16
CA VAL B 119 -11.92 -5.62 15.41
C VAL B 119 -11.49 -5.75 13.95
N THR B 120 -12.38 -6.24 13.10
CA THR B 120 -12.00 -6.65 11.76
C THR B 120 -12.83 -5.95 10.68
N ASP B 121 -12.21 -5.80 9.51
CA ASP B 121 -12.88 -5.43 8.26
C ASP B 121 -13.58 -4.07 8.38
N PHE B 122 -12.80 -3.06 8.76
CA PHE B 122 -13.34 -1.70 8.86
C PHE B 122 -12.48 -0.74 8.04
N TYR B 123 -13.10 0.38 7.67
CA TYR B 123 -12.48 1.45 6.91
C TYR B 123 -13.31 2.69 7.12
N PRO B 124 -12.70 3.88 7.33
CA PRO B 124 -11.28 4.20 7.29
C PRO B 124 -10.50 3.75 8.52
N ALA B 125 -9.34 4.38 8.73
CA ALA B 125 -8.38 3.93 9.73
C ALA B 125 -8.69 4.42 11.13
N GLN B 126 -9.51 5.46 11.27
CA GLN B 126 -9.88 5.95 12.60
C GLN B 126 -10.57 4.86 13.40
N ILE B 127 -10.05 4.59 14.60
CA ILE B 127 -10.61 3.55 15.45
C ILE B 127 -10.24 3.88 16.89
N LYS B 128 -11.04 3.39 17.83
CA LYS B 128 -10.82 3.63 19.25
C LYS B 128 -11.41 2.47 20.04
N VAL B 129 -10.57 1.72 20.73
CA VAL B 129 -10.95 0.51 21.45
C VAL B 129 -10.72 0.74 22.93
N ARG B 130 -11.79 0.58 23.72
CA ARG B 130 -11.72 0.74 25.18
C ARG B 130 -12.18 -0.55 25.85
N TRP B 131 -11.36 -1.05 26.77
CA TRP B 131 -11.74 -2.20 27.59
C TRP B 131 -12.33 -1.74 28.91
N PHE B 132 -13.39 -2.41 29.34
CA PHE B 132 -14.03 -2.12 30.61
C PHE B 132 -14.04 -3.36 31.49
N ARG B 133 -13.53 -3.21 32.71
CA ARG B 133 -13.66 -4.23 33.74
C ARG B 133 -14.79 -3.78 34.66
N ASN B 134 -15.91 -4.49 34.61
CA ASN B 134 -17.14 -4.07 35.29
C ASN B 134 -17.50 -2.65 34.87
N ASP B 135 -17.42 -1.70 35.81
CA ASP B 135 -17.76 -0.31 35.53
C ASP B 135 -16.52 0.59 35.43
N GLN B 136 -15.32 0.02 35.41
CA GLN B 136 -14.09 0.79 35.38
C GLN B 136 -13.36 0.54 34.07
N GLU B 137 -13.12 1.61 33.31
CA GLU B 137 -12.34 1.48 32.08
C GLU B 137 -10.91 1.06 32.40
N GLU B 138 -10.44 0.02 31.72
CA GLU B 138 -9.07 -0.45 31.92
C GLU B 138 -8.09 0.45 31.18
N THR B 139 -7.08 0.92 31.88
CA THR B 139 -6.14 1.90 31.35
C THR B 139 -4.69 1.46 31.39
N THR B 140 -4.38 0.31 31.99
CA THR B 140 -3.00 -0.14 32.11
C THR B 140 -2.70 -1.32 31.19
N GLY B 141 -2.97 -2.54 31.66
CA GLY B 141 -2.67 -3.73 30.90
C GLY B 141 -3.51 -3.89 29.66
N VAL B 142 -3.31 -3.03 28.67
CA VAL B 142 -4.03 -3.07 27.40
C VAL B 142 -2.99 -3.01 26.29
N VAL B 143 -2.64 -4.15 25.72
CA VAL B 143 -1.69 -4.23 24.63
C VAL B 143 -2.46 -4.20 23.31
N SER B 144 -2.24 -3.16 22.51
CA SER B 144 -2.89 -2.99 21.23
C SER B 144 -1.87 -3.18 20.12
N THR B 145 -2.16 -4.08 19.18
CA THR B 145 -1.32 -4.20 18.00
C THR B 145 -1.52 -2.97 17.12
N PRO B 146 -0.50 -2.60 16.33
CA PRO B 146 -0.69 -1.52 15.36
C PRO B 146 -1.78 -1.87 14.37
N LEU B 147 -2.28 -0.85 13.69
CA LEU B 147 -3.29 -1.05 12.66
C LEU B 147 -2.77 -1.98 11.58
N ILE B 148 -3.50 -3.06 11.33
CA ILE B 148 -3.11 -4.05 10.32
C ILE B 148 -3.87 -3.74 9.04
N ARG B 149 -3.15 -3.35 8.00
CA ARG B 149 -3.76 -3.09 6.71
C ARG B 149 -3.95 -4.41 5.97
N ASN B 150 -5.18 -4.71 5.58
CA ASN B 150 -5.45 -5.96 4.87
C ASN B 150 -5.11 -5.90 3.40
N GLY B 151 -4.88 -4.71 2.85
CA GLY B 151 -4.56 -4.55 1.45
C GLY B 151 -5.74 -4.59 0.51
N ASP B 152 -6.93 -4.92 0.99
CA ASP B 152 -8.14 -4.92 0.19
C ASP B 152 -9.08 -3.79 0.61
N TRP B 153 -8.50 -2.65 0.97
CA TRP B 153 -9.24 -1.46 1.41
C TRP B 153 -10.00 -1.71 2.70
N THR B 154 -9.46 -2.56 3.58
CA THR B 154 -10.01 -2.76 4.91
C THR B 154 -8.87 -2.90 5.91
N PHE B 155 -9.14 -2.50 7.15
CA PHE B 155 -8.20 -2.61 8.25
C PHE B 155 -8.72 -3.56 9.31
N GLN B 156 -7.82 -4.04 10.16
CA GLN B 156 -8.18 -4.73 11.39
C GLN B 156 -7.19 -4.35 12.47
N ILE B 157 -7.59 -4.58 13.73
CA ILE B 157 -6.73 -4.28 14.88
C ILE B 157 -7.11 -5.23 16.01
N LEU B 158 -6.10 -5.60 16.81
CA LEU B 158 -6.26 -6.56 17.89
C LEU B 158 -5.82 -5.93 19.20
N VAL B 159 -6.70 -5.94 20.19
CA VAL B 159 -6.47 -5.28 21.47
C VAL B 159 -6.61 -6.31 22.58
N MET B 160 -5.55 -6.50 23.35
CA MET B 160 -5.49 -7.52 24.40
C MET B 160 -5.64 -6.88 25.78
N LEU B 161 -6.30 -7.59 26.68
CA LEU B 161 -6.42 -7.20 28.08
C LEU B 161 -5.68 -8.24 28.92
N GLU B 162 -4.64 -7.81 29.62
CA GLU B 162 -3.69 -8.72 30.26
C GLU B 162 -4.09 -9.10 31.68
N MET B 163 -5.38 -9.23 31.96
CA MET B 163 -5.83 -9.67 33.27
C MET B 163 -7.23 -10.23 33.18
N THR B 164 -7.44 -11.41 33.78
CA THR B 164 -8.78 -12.00 33.91
C THR B 164 -8.87 -12.73 35.26
N PRO B 165 -8.67 -12.00 36.36
CA PRO B 165 -8.44 -12.66 37.66
C PRO B 165 -9.68 -13.29 38.28
N GLN B 166 -10.79 -12.54 38.30
CA GLN B 166 -11.94 -12.89 39.10
C GLN B 166 -13.09 -13.41 38.24
N ARG B 167 -13.83 -14.37 38.81
CA ARG B 167 -15.10 -14.80 38.27
C ARG B 167 -16.22 -13.92 38.82
N GLY B 168 -17.26 -13.75 38.02
CA GLY B 168 -18.30 -12.80 38.33
C GLY B 168 -18.05 -11.41 37.79
N ASP B 169 -16.84 -11.14 37.29
CA ASP B 169 -16.52 -9.87 36.66
C ASP B 169 -16.91 -9.91 35.18
N VAL B 170 -17.45 -8.79 34.70
CA VAL B 170 -17.88 -8.66 33.31
C VAL B 170 -16.87 -7.78 32.58
N TYR B 171 -16.42 -8.25 31.41
CA TYR B 171 -15.44 -7.55 30.60
C TYR B 171 -16.08 -7.17 29.27
N THR B 172 -16.18 -5.87 29.01
CA THR B 172 -16.79 -5.37 27.79
C THR B 172 -15.75 -4.58 26.99
N CYS B 173 -15.91 -4.63 25.67
CA CYS B 173 -15.04 -3.92 24.73
C CYS B 173 -15.89 -2.92 23.98
N HIS B 174 -15.48 -1.65 23.99
CA HIS B 174 -16.19 -0.57 23.33
C HIS B 174 -15.38 -0.10 22.14
N VAL B 175 -15.99 -0.10 20.95
CA VAL B 175 -15.31 0.25 19.71
C VAL B 175 -16.04 1.41 19.06
N GLU B 176 -15.28 2.46 18.72
CA GLU B 176 -15.83 3.63 18.05
C GLU B 176 -15.19 3.75 16.67
N HIS B 177 -16.00 4.12 15.68
CA HIS B 177 -15.57 4.19 14.30
C HIS B 177 -16.40 5.26 13.59
N PRO B 178 -15.83 5.94 12.59
CA PRO B 178 -16.62 6.96 11.88
C PRO B 178 -17.85 6.42 11.18
N SER B 179 -17.95 5.11 10.95
CA SER B 179 -19.11 4.51 10.31
C SER B 179 -20.24 4.18 11.28
N LEU B 180 -20.04 4.37 12.59
CA LEU B 180 -21.01 3.99 13.61
C LEU B 180 -21.53 5.24 14.29
N GLN B 181 -22.86 5.40 14.30
CA GLN B 181 -23.45 6.45 15.12
C GLN B 181 -23.44 6.09 16.60
N ASN B 182 -23.47 4.79 16.92
CA ASN B 182 -23.35 4.31 18.28
C ASN B 182 -22.19 3.32 18.37
N PRO B 183 -21.40 3.37 19.45
CA PRO B 183 -20.28 2.42 19.57
C PRO B 183 -20.77 0.99 19.67
N ILE B 184 -19.91 0.07 19.26
CA ILE B 184 -20.19 -1.37 19.34
C ILE B 184 -19.65 -1.88 20.67
N ILE B 185 -20.51 -2.61 21.40
CA ILE B 185 -20.17 -3.12 22.73
C ILE B 185 -20.36 -4.63 22.72
N VAL B 186 -19.31 -5.35 23.10
CA VAL B 186 -19.31 -6.81 23.15
C VAL B 186 -18.80 -7.25 24.52
N GLU B 187 -19.47 -8.22 25.12
CA GLU B 187 -19.20 -8.63 26.50
C GLU B 187 -18.69 -10.07 26.55
N TRP B 188 -17.90 -10.36 27.58
CA TRP B 188 -17.38 -11.69 27.84
C TRP B 188 -17.44 -11.99 29.33
N ARG B 189 -17.75 -13.23 29.66
CA ARG B 189 -17.85 -13.67 31.05
C ARG B 189 -17.32 -15.08 31.18
N ALA B 190 -16.84 -15.42 32.37
CA ALA B 190 -16.30 -16.74 32.64
C ALA B 190 -17.40 -17.80 32.58
N GLY C 1 -18.00 13.03 -15.51
CA GLY C 1 -17.13 12.19 -16.31
C GLY C 1 -15.71 12.70 -16.38
N GLN C 2 -15.07 12.84 -15.21
CA GLN C 2 -13.75 13.41 -15.11
C GLN C 2 -12.71 12.29 -15.18
N VAL C 3 -11.86 12.33 -16.21
CA VAL C 3 -10.79 11.35 -16.36
C VAL C 3 -9.62 11.75 -15.47
N GLU C 4 -9.20 10.84 -14.60
CA GLU C 4 -8.08 11.12 -13.71
C GLU C 4 -6.77 11.17 -14.49
N LEU C 5 -5.86 12.03 -14.03
CA LEU C 5 -4.55 12.18 -14.63
C LEU C 5 -3.47 11.79 -13.63
N GLY C 6 -2.28 11.52 -14.15
CA GLY C 6 -1.11 11.30 -13.33
C GLY C 6 -0.06 12.38 -13.55
N GLY C 7 1.06 12.21 -12.87
CA GLY C 7 2.20 13.08 -13.08
C GLY C 7 3.07 12.61 -14.22
N GLY C 8 3.27 13.46 -15.22
CA GLY C 8 4.12 13.12 -16.34
C GLY C 8 5.59 13.38 -16.05
N PRO C 9 6.41 12.33 -16.08
CA PRO C 9 7.82 12.49 -15.72
C PRO C 9 8.63 13.19 -16.82
N GLY C 10 9.59 14.00 -16.38
CA GLY C 10 10.51 14.62 -17.31
C GLY C 10 11.47 13.61 -17.92
N ALA C 11 11.97 13.96 -19.11
CA ALA C 11 12.86 13.09 -19.86
C ALA C 11 14.30 13.57 -19.73
N GLU C 12 15.20 12.64 -19.41
CA GLU C 12 16.62 12.93 -19.37
C GLU C 12 17.13 13.23 -20.78
N SER C 13 18.24 13.97 -20.83
CA SER C 13 18.87 14.33 -22.10
C SER C 13 20.26 13.69 -22.17
N CYS C 14 20.30 12.39 -22.36
CA CYS C 14 21.54 11.66 -22.59
C CYS C 14 21.65 11.13 -24.01
N GLN C 15 20.61 10.42 -24.49
CA GLN C 15 20.56 9.94 -25.86
C GLN C 15 19.14 9.57 -26.25
#